data_3L6R
#
_entry.id   3L6R
#
_cell.length_a   54.543
_cell.length_b   84.212
_cell.length_c   70.376
_cell.angle_alpha   90.00
_cell.angle_beta   90.00
_cell.angle_gamma   90.00
#
_symmetry.space_group_name_H-M   'P 21 21 2'
#
loop_
_entity.id
_entity.type
_entity.pdbx_description
1 polymer 'Serine racemase'
2 non-polymer 'MALONATE ION'
3 non-polymer 'MANGANESE (II) ION'
4 water water
#
_entity_poly.entity_id   1
_entity_poly.type   'polypeptide(L)'
_entity_poly.pdbx_seq_one_letter_code
;(MSE)DAQYDISFADVEKAHINIRDSIHLTPVLTSSILNQLTGRNLFFKCELFQKTGSF(LLP)IRGALNAVRSLVPDAL
ERKPKAVVTHSSGNHGQALTYAAKLEGIPAYIVVPQTAPDCKKLAIQAYGASIVYCEPSDESRENVAKRVTEETEGI
(MSE)VHPNQEPAVIAGQGTIALEVLNQVPLVDALVVPVGGGG(MSE)LAGIAITVKALKPSVKVYAAEPSNADDCYQSK
LKGKL(MSE)PNLYPPETIADGVKSSIGLNTWPIIRDLVDDIFTVTEDEIKCATQLVWER(MSE)KLLIEPTAGVGVAAV
LSQHFQTVSPEVKNICIVLSGGNVDLTSSITWVKQAERPASYQSVSVHHHHHH
;
_entity_poly.pdbx_strand_id   A
#
loop_
_chem_comp.id
_chem_comp.type
_chem_comp.name
_chem_comp.formula
MLI non-polymer 'MALONATE ION' 'C3 H2 O4 -2'
MN non-polymer 'MANGANESE (II) ION' 'Mn 2'
#
# COMPACT_ATOMS: atom_id res chain seq x y z
N ALA A 3 7.16 18.78 12.70
CA ALA A 3 6.97 18.50 14.12
C ALA A 3 5.66 17.76 14.39
N GLN A 4 4.55 18.31 13.95
CA GLN A 4 3.27 17.63 14.08
C GLN A 4 2.62 17.41 12.72
N TYR A 5 2.26 16.18 12.52
CA TYR A 5 1.66 15.71 11.30
C TYR A 5 0.25 15.24 11.66
N ASP A 6 -0.49 14.75 10.69
CA ASP A 6 -1.84 14.33 10.93
C ASP A 6 -2.05 13.04 11.76
N ILE A 7 -0.98 12.28 11.95
CA ILE A 7 -0.91 11.20 12.89
C ILE A 7 0.40 11.27 13.68
N SER A 8 0.43 10.54 14.76
CA SER A 8 1.62 10.39 15.56
C SER A 8 1.91 8.93 15.76
N PHE A 9 3.10 8.63 16.25
CA PHE A 9 3.42 7.29 16.62
C PHE A 9 2.41 6.67 17.60
N ALA A 10 1.98 7.49 18.55
CA ALA A 10 1.01 6.97 19.51
C ALA A 10 -0.27 6.48 18.85
N ASP A 11 -0.70 7.16 17.80
CA ASP A 11 -1.84 6.69 17.04
C ASP A 11 -1.62 5.29 16.45
N VAL A 12 -0.42 5.03 15.98
CA VAL A 12 -0.09 3.77 15.43
C VAL A 12 -0.04 2.69 16.49
N GLU A 13 0.59 2.99 17.63
CA GLU A 13 0.62 2.00 18.70
C GLU A 13 -0.78 1.62 19.10
N LYS A 14 -1.63 2.62 19.24
CA LYS A 14 -3.00 2.38 19.62
C LYS A 14 -3.74 1.55 18.57
N ALA A 15 -3.53 1.88 17.31
CA ALA A 15 -4.17 1.13 16.25
C ALA A 15 -3.77 -0.31 16.30
N HIS A 16 -2.50 -0.56 16.58
CA HIS A 16 -2.04 -1.90 16.60
C HIS A 16 -2.73 -2.78 17.66
N ILE A 17 -2.77 -2.21 18.87
N ILE A 17 -2.77 -2.20 18.87
CA ILE A 17 -3.52 -2.92 19.92
CA ILE A 17 -3.52 -2.89 19.92
C ILE A 17 -4.96 -3.20 19.48
C ILE A 17 -4.96 -3.18 19.51
N ASN A 18 -5.57 -2.22 18.84
CA ASN A 18 -6.97 -2.30 18.52
C ASN A 18 -7.34 -3.14 17.28
N ILE A 19 -6.35 -3.49 16.48
CA ILE A 19 -6.63 -4.33 15.36
C ILE A 19 -5.93 -5.69 15.41
N ARG A 20 -4.96 -5.85 16.29
CA ARG A 20 -4.14 -7.03 16.25
C ARG A 20 -4.90 -8.36 16.40
N ASP A 21 -5.99 -8.35 17.12
CA ASP A 21 -6.75 -9.57 17.28
C ASP A 21 -7.68 -9.85 16.12
N SER A 22 -7.68 -8.97 15.14
CA SER A 22 -8.53 -9.14 13.99
C SER A 22 -7.80 -9.23 12.66
N ILE A 23 -6.48 -9.21 12.70
CA ILE A 23 -5.66 -9.31 11.53
C ILE A 23 -4.65 -10.41 11.71
N HIS A 24 -3.93 -10.74 10.67
CA HIS A 24 -2.85 -11.69 10.75
C HIS A 24 -1.52 -11.01 10.98
N LEU A 25 -0.70 -11.63 11.82
CA LEU A 25 0.66 -11.23 12.00
C LEU A 25 1.41 -11.96 10.92
N THR A 26 1.51 -11.33 9.75
CA THR A 26 1.99 -12.00 8.58
C THR A 26 3.48 -12.29 8.66
N PRO A 27 3.91 -13.31 7.99
CA PRO A 27 5.29 -13.71 8.15
C PRO A 27 6.26 -12.87 7.34
N VAL A 28 7.53 -12.98 7.70
CA VAL A 28 8.64 -12.46 6.91
C VAL A 28 9.40 -13.63 6.29
N LEU A 29 9.46 -13.67 4.96
CA LEU A 29 10.10 -14.72 4.19
CA LEU A 29 10.08 -14.71 4.16
C LEU A 29 11.32 -14.16 3.49
N THR A 30 12.21 -15.09 3.17
CA THR A 30 13.45 -14.77 2.51
C THR A 30 13.69 -15.60 1.25
N SER A 31 14.61 -15.13 0.43
CA SER A 31 14.97 -15.76 -0.82
C SER A 31 16.45 -15.63 -1.12
N SER A 32 17.16 -16.75 -1.21
CA SER A 32 18.58 -16.66 -1.48
C SER A 32 18.88 -16.18 -2.90
N ILE A 33 18.01 -16.47 -3.83
CA ILE A 33 18.15 -16.03 -5.19
C ILE A 33 18.06 -14.47 -5.32
N LEU A 34 17.10 -13.91 -4.63
CA LEU A 34 16.97 -12.47 -4.61
C LEU A 34 18.11 -11.81 -3.86
N ASN A 35 18.58 -12.44 -2.81
CA ASN A 35 19.75 -11.96 -2.13
C ASN A 35 20.94 -11.92 -3.11
N GLN A 36 21.06 -12.95 -3.92
CA GLN A 36 22.20 -13.04 -4.83
C GLN A 36 22.08 -11.97 -5.88
N LEU A 37 20.89 -11.73 -6.34
CA LEU A 37 20.70 -10.79 -7.39
C LEU A 37 21.00 -9.35 -6.94
N THR A 38 20.78 -9.04 -5.68
CA THR A 38 20.87 -7.68 -5.22
C THR A 38 22.14 -7.37 -4.42
N GLY A 39 22.74 -8.39 -3.86
CA GLY A 39 23.86 -8.20 -3.00
C GLY A 39 23.50 -7.77 -1.61
N ARG A 40 22.23 -7.82 -1.31
CA ARG A 40 21.70 -7.40 -0.02
C ARG A 40 21.05 -8.57 0.67
N ASN A 41 20.62 -8.39 1.90
CA ASN A 41 19.99 -9.39 2.70
CA ASN A 41 19.95 -9.41 2.71
C ASN A 41 18.52 -8.94 2.83
N LEU A 42 17.68 -9.50 1.96
CA LEU A 42 16.29 -9.08 1.81
C LEU A 42 15.35 -9.86 2.71
N PHE A 43 14.31 -9.19 3.16
CA PHE A 43 13.25 -9.80 3.94
C PHE A 43 11.92 -9.35 3.35
N PHE A 44 11.00 -10.29 3.18
CA PHE A 44 9.75 -9.97 2.55
C PHE A 44 8.56 -10.09 3.55
N LYS A 45 7.95 -8.95 3.87
CA LYS A 45 6.81 -8.85 4.75
C LYS A 45 5.56 -9.19 3.93
N CYS A 46 4.99 -10.36 4.22
CA CYS A 46 3.94 -10.94 3.38
C CYS A 46 2.55 -10.46 3.73
N GLU A 47 2.26 -9.21 3.37
CA GLU A 47 0.93 -8.70 3.52
C GLU A 47 -0.07 -9.27 2.48
N LEU A 48 0.44 -9.95 1.47
CA LEU A 48 -0.46 -10.61 0.55
C LEU A 48 -1.29 -11.70 1.24
N PHE A 49 -0.81 -12.15 2.39
CA PHE A 49 -1.48 -13.15 3.19
C PHE A 49 -2.45 -12.53 4.18
N GLN A 50 -2.54 -11.22 4.20
CA GLN A 50 -3.46 -10.55 5.10
C GLN A 50 -4.92 -10.82 4.75
N LYS A 51 -5.81 -10.66 5.71
CA LYS A 51 -7.22 -10.76 5.45
C LYS A 51 -7.64 -9.84 4.26
N THR A 52 -8.39 -10.36 3.29
CA THR A 52 -8.81 -9.68 2.07
C THR A 52 -7.75 -9.54 0.95
N GLY A 53 -6.55 -10.05 1.18
CA GLY A 53 -5.52 -10.08 0.15
C GLY A 53 -4.51 -8.94 0.17
N SER A 54 -4.67 -8.00 1.11
CA SER A 54 -3.75 -6.87 1.19
C SER A 54 -3.73 -6.28 2.56
N PHE A 55 -2.74 -5.45 2.79
CA PHE A 55 -2.57 -4.75 4.04
C PHE A 55 -3.69 -3.81 4.36
N1 LLP A 56 0.09 -1.88 -2.70
C2 LLP A 56 -1.14 -2.38 -2.61
C2' LLP A 56 -1.34 -3.82 -2.95
C3 LLP A 56 -2.19 -1.58 -2.22
O3 LLP A 56 -3.28 -2.08 -2.11
C4 LLP A 56 -1.95 -0.23 -1.91
C4' LLP A 56 -3.08 0.61 -1.42
C5 LLP A 56 -0.67 0.27 -2.06
C6 LLP A 56 0.32 -0.58 -2.42
C5' LLP A 56 -0.30 1.70 -1.77
OP4 LLP A 56 -0.75 2.36 -0.60
P LLP A 56 -1.05 3.89 -0.52
OP1 LLP A 56 -2.12 4.15 -1.40
OP2 LLP A 56 -1.31 4.04 0.86
OP3 LLP A 56 0.20 4.42 -0.96
N LLP A 56 -4.50 -3.46 3.40
CA LLP A 56 -5.55 -2.43 3.63
CB LLP A 56 -6.32 -2.11 2.34
CG LLP A 56 -5.49 -1.53 1.18
CD LLP A 56 -5.25 -0.08 1.31
CE LLP A 56 -4.95 0.63 0.03
NZ LLP A 56 -4.06 -0.06 -0.87
C LLP A 56 -6.54 -2.83 4.72
O LLP A 56 -7.12 -1.87 5.23
N ILE A 57 -6.60 -4.06 5.14
CA ILE A 57 -7.51 -4.38 6.23
C ILE A 57 -7.11 -3.62 7.50
N ARG A 58 -5.84 -3.29 7.62
CA ARG A 58 -5.33 -2.57 8.78
C ARG A 58 -5.99 -1.21 8.93
N GLY A 59 -5.89 -0.39 7.89
CA GLY A 59 -6.45 0.94 7.91
C GLY A 59 -7.96 0.98 7.90
N ALA A 60 -8.58 -0.09 7.38
CA ALA A 60 -10.00 -0.16 7.30
C ALA A 60 -10.59 -0.53 8.62
N LEU A 61 -10.03 -1.54 9.26
CA LEU A 61 -10.50 -1.91 10.57
C LEU A 61 -10.31 -0.76 11.53
N ASN A 62 -9.16 -0.12 11.50
CA ASN A 62 -8.95 0.96 12.42
C ASN A 62 -9.95 2.11 12.23
N ALA A 63 -10.22 2.42 10.99
CA ALA A 63 -11.15 3.45 10.66
C ALA A 63 -12.59 3.09 11.06
N VAL A 64 -13.02 1.88 10.78
CA VAL A 64 -14.38 1.50 11.13
C VAL A 64 -14.59 1.53 12.66
N ARG A 65 -13.64 1.01 13.40
CA ARG A 65 -13.76 0.95 14.84
CA ARG A 65 -13.79 0.96 14.84
C ARG A 65 -13.73 2.32 15.48
N SER A 66 -12.98 3.20 14.88
CA SER A 66 -12.73 4.48 15.44
CA SER A 66 -12.82 4.45 15.47
C SER A 66 -13.80 5.48 15.05
N LEU A 67 -14.33 5.39 13.86
CA LEU A 67 -15.23 6.43 13.40
C LEU A 67 -16.59 6.01 13.90
N VAL A 68 -16.98 6.55 15.06
CA VAL A 68 -17.96 5.96 15.93
C VAL A 68 -17.89 4.48 15.67
N PRO A 76 -23.69 4.42 12.07
CA PRO A 76 -23.74 5.15 10.81
C PRO A 76 -24.57 4.49 9.74
N LYS A 77 -25.09 5.27 8.84
CA LYS A 77 -25.95 4.74 7.85
C LYS A 77 -25.19 3.82 6.86
N ALA A 78 -23.99 4.21 6.49
CA ALA A 78 -23.20 3.47 5.54
C ALA A 78 -21.81 3.99 5.61
N VAL A 79 -20.86 3.22 5.10
CA VAL A 79 -19.56 3.76 4.81
C VAL A 79 -19.38 3.87 3.30
N VAL A 80 -18.62 4.87 2.90
CA VAL A 80 -18.34 5.18 1.51
C VAL A 80 -16.83 5.36 1.32
N THR A 81 -16.35 4.97 0.16
CA THR A 81 -14.99 5.26 -0.24
C THR A 81 -14.80 5.21 -1.74
N HIS A 82 -13.62 5.60 -2.21
CA HIS A 82 -13.24 5.29 -3.57
C HIS A 82 -12.00 4.38 -3.50
N SER A 83 -11.84 3.51 -4.48
CA SER A 83 -10.76 2.56 -4.40
C SER A 83 -10.50 1.86 -5.70
N SER A 84 -9.25 1.53 -5.98
CA SER A 84 -8.95 0.67 -7.09
C SER A 84 -9.26 -0.79 -6.77
N GLY A 85 -9.66 -1.07 -5.55
CA GLY A 85 -10.15 -2.39 -5.22
C GLY A 85 -9.79 -2.93 -3.86
N ASN A 86 -8.56 -2.69 -3.42
CA ASN A 86 -8.11 -3.30 -2.19
C ASN A 86 -8.66 -2.64 -0.93
N HIS A 87 -8.55 -1.32 -0.87
CA HIS A 87 -9.21 -0.61 0.22
C HIS A 87 -10.74 -0.85 0.19
N GLY A 88 -11.32 -0.85 -0.98
CA GLY A 88 -12.72 -1.14 -1.05
C GLY A 88 -13.15 -2.48 -0.49
N GLN A 89 -12.43 -3.53 -0.82
CA GLN A 89 -12.83 -4.77 -0.25
C GLN A 89 -12.54 -4.89 1.24
N ALA A 90 -11.44 -4.31 1.66
CA ALA A 90 -11.16 -4.30 3.06
C ALA A 90 -12.19 -3.50 3.88
N LEU A 91 -12.55 -2.31 3.39
CA LEU A 91 -13.54 -1.51 4.05
C LEU A 91 -14.89 -2.23 4.09
N THR A 92 -15.24 -2.85 2.99
CA THR A 92 -16.48 -3.63 2.97
C THR A 92 -16.53 -4.73 4.05
N TYR A 93 -15.48 -5.50 4.11
CA TYR A 93 -15.36 -6.51 5.10
C TYR A 93 -15.43 -5.94 6.51
N ALA A 94 -14.62 -4.93 6.79
CA ALA A 94 -14.65 -4.31 8.09
C ALA A 94 -16.04 -3.78 8.48
N ALA A 95 -16.72 -3.17 7.55
CA ALA A 95 -18.03 -2.63 7.81
C ALA A 95 -19.04 -3.73 8.03
N LYS A 96 -18.94 -4.79 7.25
CA LYS A 96 -19.87 -5.92 7.34
C LYS A 96 -19.82 -6.54 8.72
N LEU A 97 -18.63 -6.62 9.28
CA LEU A 97 -18.49 -7.14 10.63
C LEU A 97 -19.31 -6.38 11.67
N GLU A 98 -19.56 -5.11 11.45
CA GLU A 98 -20.39 -4.26 12.31
C GLU A 98 -21.83 -4.09 11.83
N GLY A 99 -22.19 -4.81 10.79
CA GLY A 99 -23.46 -4.62 10.16
C GLY A 99 -23.73 -3.30 9.46
N ILE A 100 -22.71 -2.69 8.87
CA ILE A 100 -22.85 -1.43 8.20
C ILE A 100 -22.70 -1.63 6.69
N PRO A 101 -23.63 -1.13 5.89
CA PRO A 101 -23.53 -1.23 4.44
C PRO A 101 -22.37 -0.40 3.88
N ALA A 102 -21.83 -0.78 2.74
CA ALA A 102 -20.71 -0.10 2.13
C ALA A 102 -21.02 0.27 0.71
N TYR A 103 -20.64 1.46 0.32
CA TYR A 103 -20.70 1.87 -1.05
C TYR A 103 -19.27 2.14 -1.53
N ILE A 104 -18.86 1.46 -2.56
CA ILE A 104 -17.50 1.58 -3.04
C ILE A 104 -17.43 2.10 -4.46
N VAL A 105 -16.80 3.25 -4.61
CA VAL A 105 -16.58 3.87 -5.91
C VAL A 105 -15.26 3.33 -6.49
N VAL A 106 -15.36 2.73 -7.65
CA VAL A 106 -14.26 2.01 -8.29
C VAL A 106 -14.11 2.44 -9.74
N PRO A 107 -12.90 2.71 -10.15
CA PRO A 107 -12.70 3.04 -11.56
C PRO A 107 -13.10 1.90 -12.49
N GLN A 108 -13.69 2.24 -13.62
CA GLN A 108 -14.14 1.25 -14.54
C GLN A 108 -13.05 0.30 -14.99
N THR A 109 -11.83 0.75 -14.94
CA THR A 109 -10.71 -0.03 -15.44
C THR A 109 -9.97 -0.83 -14.37
N ALA A 110 -10.49 -0.87 -13.16
CA ALA A 110 -9.93 -1.73 -12.15
C ALA A 110 -10.02 -3.20 -12.52
N PRO A 111 -9.13 -3.99 -11.99
CA PRO A 111 -9.19 -5.41 -12.24
C PRO A 111 -10.52 -6.03 -11.85
N ASP A 112 -10.99 -6.93 -12.71
CA ASP A 112 -12.17 -7.71 -12.45
C ASP A 112 -12.16 -8.44 -11.14
N CYS A 113 -11.01 -8.99 -10.77
CA CYS A 113 -10.96 -9.73 -9.56
C CYS A 113 -11.29 -8.89 -8.34
N LYS A 114 -10.90 -7.61 -8.40
CA LYS A 114 -11.15 -6.70 -7.34
C LYS A 114 -12.62 -6.23 -7.35
N LYS A 115 -13.15 -5.96 -8.53
CA LYS A 115 -14.56 -5.63 -8.68
C LYS A 115 -15.44 -6.74 -8.14
N LEU A 116 -15.15 -7.96 -8.54
CA LEU A 116 -15.89 -9.07 -8.02
C LEU A 116 -15.81 -9.36 -6.53
N ALA A 117 -14.64 -9.21 -5.96
CA ALA A 117 -14.52 -9.40 -4.54
C ALA A 117 -15.29 -8.37 -3.73
N ILE A 118 -15.29 -7.14 -4.20
CA ILE A 118 -16.04 -6.11 -3.53
C ILE A 118 -17.54 -6.49 -3.50
N GLN A 119 -18.02 -7.02 -4.61
CA GLN A 119 -19.42 -7.40 -4.68
C GLN A 119 -19.70 -8.65 -3.83
N ALA A 120 -18.75 -9.56 -3.81
CA ALA A 120 -18.84 -10.76 -2.99
C ALA A 120 -18.95 -10.45 -1.49
N TYR A 121 -18.31 -9.38 -1.03
CA TYR A 121 -18.38 -8.96 0.38
C TYR A 121 -19.63 -8.18 0.71
N GLY A 122 -20.45 -7.95 -0.33
CA GLY A 122 -21.76 -7.35 -0.18
C GLY A 122 -21.93 -5.85 -0.39
N ALA A 123 -20.91 -5.24 -0.98
CA ALA A 123 -20.93 -3.82 -1.20
C ALA A 123 -21.83 -3.49 -2.39
N SER A 124 -22.29 -2.26 -2.47
CA SER A 124 -22.78 -1.64 -3.61
CA SER A 124 -22.82 -1.57 -3.56
C SER A 124 -21.58 -0.99 -4.31
N ILE A 125 -21.29 -1.43 -5.51
CA ILE A 125 -20.17 -0.93 -6.27
C ILE A 125 -20.68 0.14 -7.24
N VAL A 126 -19.92 1.20 -7.41
CA VAL A 126 -20.30 2.30 -8.26
C VAL A 126 -19.12 2.65 -9.09
N TYR A 127 -19.21 2.39 -10.38
CA TYR A 127 -18.07 2.64 -11.25
C TYR A 127 -17.93 4.13 -11.60
N CYS A 128 -16.69 4.58 -11.62
CA CYS A 128 -16.36 5.92 -12.02
C CYS A 128 -15.30 5.90 -13.14
N GLU A 129 -14.90 7.06 -13.61
CA GLU A 129 -13.78 7.13 -14.53
C GLU A 129 -12.47 6.96 -13.83
N PRO A 130 -11.48 6.56 -14.59
CA PRO A 130 -10.20 6.29 -14.02
C PRO A 130 -9.44 7.59 -13.88
N SER A 131 -9.74 8.37 -12.87
CA SER A 131 -8.95 9.54 -12.56
C SER A 131 -9.14 9.83 -11.09
N ASP A 132 -8.18 10.52 -10.50
CA ASP A 132 -8.35 10.95 -9.12
C ASP A 132 -9.55 11.85 -8.96
N GLU A 133 -9.72 12.76 -9.91
CA GLU A 133 -10.82 13.69 -9.83
C GLU A 133 -12.20 13.01 -9.83
N SER A 134 -12.36 12.01 -10.69
CA SER A 134 -13.59 11.26 -10.78
C SER A 134 -13.82 10.43 -9.53
N ARG A 135 -12.79 9.77 -9.05
CA ARG A 135 -12.90 9.03 -7.83
C ARG A 135 -13.39 9.92 -6.69
N GLU A 136 -12.72 11.05 -6.52
CA GLU A 136 -13.06 11.94 -5.42
C GLU A 136 -14.46 12.55 -5.54
N ASN A 137 -14.79 13.01 -6.72
CA ASN A 137 -16.06 13.66 -6.93
C ASN A 137 -17.21 12.71 -6.81
N VAL A 138 -17.07 11.53 -7.37
CA VAL A 138 -18.13 10.59 -7.23
C VAL A 138 -18.32 10.10 -5.79
N ALA A 139 -17.24 9.85 -5.09
CA ALA A 139 -17.36 9.45 -3.73
C ALA A 139 -18.01 10.54 -2.85
N LYS A 140 -17.73 11.78 -3.18
CA LYS A 140 -18.33 12.87 -2.44
C LYS A 140 -19.84 12.88 -2.68
N ARG A 141 -20.24 12.69 -3.94
CA ARG A 141 -21.64 12.66 -4.25
C ARG A 141 -22.36 11.48 -3.59
N VAL A 142 -21.75 10.30 -3.64
CA VAL A 142 -22.33 9.15 -3.03
C VAL A 142 -22.43 9.31 -1.52
N THR A 143 -21.44 9.93 -0.95
CA THR A 143 -21.46 10.19 0.47
C THR A 143 -22.68 11.04 0.84
N GLU A 144 -22.91 12.07 0.06
CA GLU A 144 -24.03 12.97 0.30
C GLU A 144 -25.34 12.26 0.11
N GLU A 145 -25.45 11.53 -0.98
CA GLU A 145 -26.68 10.81 -1.29
C GLU A 145 -27.07 9.74 -0.29
N THR A 146 -26.10 9.04 0.26
CA THR A 146 -26.37 7.97 1.18
C THR A 146 -26.37 8.42 2.64
N GLU A 147 -25.94 9.65 2.86
CA GLU A 147 -25.71 10.16 4.19
C GLU A 147 -24.74 9.27 4.93
N GLY A 148 -23.79 8.71 4.20
CA GLY A 148 -22.80 7.82 4.78
C GLY A 148 -21.55 8.55 5.24
N ILE A 149 -20.63 7.79 5.80
CA ILE A 149 -19.39 8.32 6.28
C ILE A 149 -18.27 7.95 5.31
N MSE A 150 -17.55 8.95 4.85
CA MSE A 150 -16.44 8.75 3.97
C MSE A 150 -15.20 8.25 4.74
O MSE A 150 -14.88 8.81 5.74
CB MSE A 150 -16.16 10.05 3.24
CG MSE A 150 -14.92 10.11 2.49
SE MSE A 150 -15.23 9.04 0.87
CE MSE A 150 -13.52 9.27 0.08
N VAL A 151 -14.61 7.17 4.24
CA VAL A 151 -13.35 6.62 4.76
C VAL A 151 -12.31 6.58 3.61
N HIS A 152 -11.54 7.64 3.51
CA HIS A 152 -10.63 7.81 2.40
C HIS A 152 -9.55 6.73 2.40
N PRO A 153 -9.14 6.27 1.22
CA PRO A 153 -8.20 5.18 1.19
C PRO A 153 -6.81 5.47 1.65
N ASN A 154 -6.44 6.74 1.72
CA ASN A 154 -5.08 7.06 2.11
C ASN A 154 -4.84 8.36 2.91
N GLN A 155 -5.83 9.24 2.96
CA GLN A 155 -5.61 10.51 3.62
C GLN A 155 -6.30 10.59 4.97
N GLU A 156 -7.11 9.62 5.26
CA GLU A 156 -7.76 9.58 6.55
C GLU A 156 -6.81 9.16 7.71
N PRO A 157 -6.70 10.00 8.73
CA PRO A 157 -5.75 9.67 9.79
C PRO A 157 -5.88 8.26 10.39
N ALA A 158 -7.09 7.77 10.62
CA ALA A 158 -7.22 6.48 11.21
C ALA A 158 -6.72 5.39 10.28
N VAL A 159 -6.87 5.65 9.00
CA VAL A 159 -6.41 4.70 8.03
C VAL A 159 -4.88 4.70 7.98
N ILE A 160 -4.29 5.88 7.93
CA ILE A 160 -2.85 5.99 7.87
C ILE A 160 -2.21 5.31 9.09
N ALA A 161 -2.80 5.54 10.25
CA ALA A 161 -2.29 4.97 11.46
C ALA A 161 -2.38 3.46 11.48
N GLY A 162 -3.46 2.94 10.94
CA GLY A 162 -3.60 1.51 10.74
C GLY A 162 -2.49 0.95 9.81
N GLN A 163 -2.24 1.58 8.68
CA GLN A 163 -1.23 1.03 7.80
C GLN A 163 0.13 1.03 8.45
N GLY A 164 0.41 2.02 9.30
CA GLY A 164 1.72 2.14 9.92
C GLY A 164 2.12 0.99 10.84
N THR A 165 1.13 0.20 11.25
CA THR A 165 1.33 -0.90 12.15
C THR A 165 2.20 -1.96 11.50
N ILE A 166 2.22 -1.98 10.19
CA ILE A 166 3.16 -2.85 9.51
C ILE A 166 4.60 -2.70 10.04
N ALA A 167 4.99 -1.47 10.27
CA ALA A 167 6.36 -1.20 10.69
C ALA A 167 6.62 -1.67 12.10
N LEU A 168 5.59 -1.63 12.91
CA LEU A 168 5.77 -2.16 14.26
C LEU A 168 6.09 -3.62 14.22
N GLU A 169 5.44 -4.35 13.35
CA GLU A 169 5.71 -5.75 13.19
C GLU A 169 7.09 -6.03 12.58
N VAL A 170 7.40 -5.35 11.50
CA VAL A 170 8.67 -5.52 10.86
C VAL A 170 9.90 -5.30 11.76
N LEU A 171 9.86 -4.23 12.51
CA LEU A 171 10.95 -3.89 13.42
CA LEU A 171 10.98 -3.90 13.42
C LEU A 171 11.13 -4.96 14.51
N ASN A 172 10.06 -5.65 14.90
CA ASN A 172 10.12 -6.74 15.84
CA ASN A 172 10.12 -6.77 15.83
C ASN A 172 10.60 -8.09 15.12
N GLN A 173 10.03 -8.37 13.95
CA GLN A 173 10.37 -9.57 13.21
C GLN A 173 11.77 -9.60 12.62
N VAL A 174 12.28 -8.44 12.24
CA VAL A 174 13.60 -8.33 11.63
C VAL A 174 14.43 -7.34 12.44
N PRO A 175 14.90 -7.79 13.58
CA PRO A 175 15.47 -6.85 14.54
C PRO A 175 16.69 -6.17 13.99
N LEU A 176 17.36 -6.73 13.03
CA LEU A 176 18.52 -6.10 12.47
C LEU A 176 18.25 -5.24 11.21
N VAL A 177 16.98 -4.98 10.92
CA VAL A 177 16.61 -4.25 9.73
C VAL A 177 17.28 -2.89 9.58
N ASP A 178 17.73 -2.59 8.37
CA ASP A 178 18.42 -1.34 8.02
C ASP A 178 17.55 -0.40 7.16
N ALA A 179 16.56 -0.97 6.48
CA ALA A 179 15.68 -0.19 5.65
C ALA A 179 14.37 -0.92 5.36
N LEU A 180 13.32 -0.15 5.19
CA LEU A 180 12.06 -0.66 4.66
C LEU A 180 11.84 -0.06 3.28
N VAL A 181 11.34 -0.87 2.39
CA VAL A 181 10.99 -0.42 1.07
C VAL A 181 9.49 -0.65 0.87
N VAL A 182 8.81 0.42 0.52
CA VAL A 182 7.34 0.53 0.50
C VAL A 182 6.84 1.07 -0.84
N PRO A 183 5.94 0.36 -1.49
CA PRO A 183 5.29 0.93 -2.66
C PRO A 183 4.39 2.10 -2.25
N VAL A 184 4.38 3.11 -3.09
CA VAL A 184 3.60 4.32 -2.84
C VAL A 184 2.57 4.68 -3.92
N GLY A 185 1.35 4.91 -3.48
CA GLY A 185 0.27 5.42 -4.27
C GLY A 185 -0.17 6.70 -3.62
N GLY A 186 -1.22 6.63 -2.81
CA GLY A 186 -1.67 7.79 -2.07
C GLY A 186 -0.80 8.20 -0.91
N GLY A 187 0.07 7.29 -0.48
CA GLY A 187 1.04 7.60 0.56
C GLY A 187 0.54 7.29 1.96
N GLY A 188 -0.55 6.55 2.06
CA GLY A 188 -1.10 6.18 3.35
C GLY A 188 -0.19 5.23 4.11
N MSE A 189 0.23 4.18 3.43
CA MSE A 189 1.12 3.22 4.00
C MSE A 189 2.53 3.82 4.22
O MSE A 189 3.12 3.68 5.23
CB MSE A 189 1.19 1.95 3.14
CG MSE A 189 2.21 0.98 3.64
SE MSE A 189 2.27 -0.76 2.64
CE MSE A 189 2.13 -0.11 0.78
N LEU A 190 3.06 4.50 3.20
CA LEU A 190 4.38 5.04 3.30
C LEU A 190 4.44 6.03 4.49
N ALA A 191 3.41 6.83 4.62
CA ALA A 191 3.38 7.81 5.68
C ALA A 191 3.27 7.19 7.07
N GLY A 192 2.40 6.22 7.22
CA GLY A 192 2.27 5.54 8.48
C GLY A 192 3.53 4.80 8.88
N ILE A 193 4.15 4.17 7.91
CA ILE A 193 5.40 3.51 8.17
C ILE A 193 6.52 4.51 8.50
N ALA A 194 6.59 5.59 7.76
CA ALA A 194 7.63 6.58 8.06
C ALA A 194 7.53 7.15 9.49
N ILE A 195 6.31 7.47 9.91
CA ILE A 195 6.06 7.99 11.23
C ILE A 195 6.57 7.01 12.26
N THR A 196 6.28 5.76 12.02
CA THR A 196 6.57 4.71 12.95
C THR A 196 8.05 4.42 13.08
N VAL A 197 8.69 4.21 11.94
CA VAL A 197 10.09 3.91 11.92
C VAL A 197 10.91 5.08 12.49
N LYS A 198 10.57 6.28 12.10
CA LYS A 198 11.37 7.41 12.52
C LYS A 198 11.15 7.71 14.00
N ALA A 199 10.05 7.25 14.55
CA ALA A 199 9.85 7.39 15.98
C ALA A 199 10.62 6.35 16.80
N LEU A 200 10.68 5.13 16.33
CA LEU A 200 11.33 4.06 17.05
C LEU A 200 12.83 3.93 16.84
N LYS A 201 13.25 4.08 15.61
CA LYS A 201 14.62 3.86 15.23
C LYS A 201 14.93 4.56 13.93
N PRO A 202 15.11 5.87 14.01
CA PRO A 202 15.25 6.67 12.79
C PRO A 202 16.50 6.40 11.93
N SER A 203 17.45 5.62 12.44
CA SER A 203 18.58 5.20 11.63
C SER A 203 18.15 4.25 10.48
N VAL A 204 17.01 3.61 10.65
CA VAL A 204 16.43 2.71 9.67
C VAL A 204 15.86 3.56 8.58
N LYS A 205 16.22 3.23 7.35
CA LYS A 205 15.87 3.99 6.16
CA LYS A 205 15.86 4.02 6.18
C LYS A 205 14.42 3.64 5.83
N VAL A 206 13.68 4.60 5.34
CA VAL A 206 12.38 4.37 4.74
C VAL A 206 12.41 4.82 3.29
N TYR A 207 12.30 3.88 2.38
CA TYR A 207 12.38 4.17 0.98
C TYR A 207 11.04 3.89 0.28
N ALA A 208 10.62 4.79 -0.58
CA ALA A 208 9.45 4.54 -1.40
C ALA A 208 9.87 3.94 -2.76
N ALA A 209 8.97 3.14 -3.29
CA ALA A 209 9.09 2.59 -4.62
C ALA A 209 7.85 2.98 -5.43
N GLU A 210 8.07 3.48 -6.64
CA GLU A 210 7.01 4.09 -7.40
C GLU A 210 7.18 3.81 -8.93
N PRO A 211 6.08 3.57 -9.61
CA PRO A 211 6.17 3.38 -11.07
C PRO A 211 6.59 4.69 -11.75
N SER A 212 7.51 4.60 -12.69
CA SER A 212 7.81 5.75 -13.49
C SER A 212 6.59 6.29 -14.20
N ASN A 213 5.69 5.39 -14.50
CA ASN A 213 4.44 5.75 -15.15
C ASN A 213 3.40 6.35 -14.21
N ALA A 214 3.77 6.58 -12.97
CA ALA A 214 2.86 7.21 -12.02
C ALA A 214 3.70 7.91 -10.93
N ASP A 215 4.59 8.80 -11.34
CA ASP A 215 5.67 9.21 -10.51
C ASP A 215 5.52 10.53 -9.76
N ASP A 216 4.30 10.85 -9.39
CA ASP A 216 4.03 12.04 -8.60
C ASP A 216 4.84 12.17 -7.34
N CYS A 217 5.06 11.08 -6.64
CA CYS A 217 5.72 11.16 -5.35
C CYS A 217 7.17 11.52 -5.53
N TYR A 218 7.78 10.87 -6.50
CA TYR A 218 9.11 11.21 -6.90
C TYR A 218 9.23 12.68 -7.32
N GLN A 219 8.33 13.10 -8.18
CA GLN A 219 8.38 14.47 -8.66
C GLN A 219 8.12 15.46 -7.53
N SER A 220 7.19 15.13 -6.65
CA SER A 220 6.97 16.01 -5.51
C SER A 220 8.20 16.19 -4.65
N LYS A 221 8.84 15.11 -4.30
CA LYS A 221 10.04 15.21 -3.53
C LYS A 221 11.12 16.03 -4.21
N LEU A 222 11.26 15.84 -5.50
CA LEU A 222 12.26 16.56 -6.26
C LEU A 222 11.97 18.06 -6.25
N LYS A 223 10.73 18.42 -6.42
CA LYS A 223 10.37 19.81 -6.48
C LYS A 223 10.13 20.48 -5.14
N GLY A 224 9.91 19.72 -4.10
CA GLY A 224 9.70 20.27 -2.79
C GLY A 224 8.28 20.69 -2.56
N LYS A 225 7.39 20.24 -3.43
CA LYS A 225 5.98 20.49 -3.31
C LYS A 225 5.10 19.44 -3.99
N LEU A 226 3.86 19.37 -3.55
CA LEU A 226 2.93 18.39 -4.07
C LEU A 226 2.61 18.65 -5.51
N MSE A 227 2.97 17.69 -6.35
CA MSE A 227 2.74 17.68 -7.78
C MSE A 227 1.98 16.42 -8.24
O MSE A 227 2.58 15.44 -8.54
CB MSE A 227 4.07 17.68 -8.51
CG MSE A 227 5.07 18.69 -8.09
SE MSE A 227 4.49 20.54 -8.63
CE MSE A 227 4.82 20.37 -10.47
N PRO A 228 0.66 16.49 -8.28
CA PRO A 228 -0.16 15.37 -8.64
C PRO A 228 0.02 14.98 -10.10
N ASN A 229 -0.35 13.77 -10.44
CA ASN A 229 -0.26 13.32 -11.79
C ASN A 229 -1.18 14.14 -12.65
N LEU A 230 -0.65 14.66 -13.74
CA LEU A 230 -1.44 15.47 -14.63
C LEU A 230 -2.43 14.65 -15.45
N TYR A 231 -1.97 13.55 -15.99
CA TYR A 231 -2.83 12.62 -16.67
C TYR A 231 -3.01 11.37 -15.80
N PRO A 232 -4.11 10.68 -15.95
CA PRO A 232 -4.30 9.43 -15.24
C PRO A 232 -3.23 8.44 -15.63
N PRO A 233 -2.52 7.90 -14.66
CA PRO A 233 -1.45 6.97 -14.99
C PRO A 233 -1.92 5.72 -15.76
N GLU A 234 -1.08 5.24 -16.66
CA GLU A 234 -1.22 3.95 -17.24
C GLU A 234 -0.14 3.04 -16.69
N THR A 235 -0.53 2.05 -15.90
CA THR A 235 0.44 1.15 -15.30
C THR A 235 -0.20 -0.18 -14.93
N ILE A 236 0.57 -1.24 -14.96
CA ILE A 236 0.13 -2.52 -14.53
CA ILE A 236 0.20 -2.52 -14.54
C ILE A 236 0.03 -2.49 -13.00
N ALA A 237 0.67 -1.52 -12.37
CA ALA A 237 0.61 -1.43 -10.92
C ALA A 237 -0.68 -0.73 -10.53
N ASP A 238 -1.77 -1.43 -10.68
CA ASP A 238 -3.08 -0.85 -10.68
C ASP A 238 -3.49 -0.20 -9.35
N GLY A 239 -2.79 -0.56 -8.31
CA GLY A 239 -3.12 -0.12 -6.98
C GLY A 239 -2.42 1.12 -6.51
N VAL A 240 -1.56 1.70 -7.35
CA VAL A 240 -0.82 2.88 -6.99
C VAL A 240 -0.91 3.99 -8.05
N LYS A 241 -2.10 4.11 -8.63
CA LYS A 241 -2.40 5.16 -9.57
C LYS A 241 -2.81 6.50 -8.96
N SER A 242 -3.25 6.48 -7.72
CA SER A 242 -3.55 7.69 -7.00
C SER A 242 -2.34 8.57 -6.78
N SER A 243 -2.54 9.86 -6.79
CA SER A 243 -1.52 10.78 -6.37
C SER A 243 -1.47 10.88 -4.83
N ILE A 244 -0.32 11.25 -4.34
CA ILE A 244 -0.23 11.59 -2.95
C ILE A 244 -1.14 12.78 -2.64
N GLY A 245 -1.52 12.88 -1.39
CA GLY A 245 -2.43 13.89 -0.93
C GLY A 245 -1.89 14.82 0.15
N LEU A 246 -2.78 15.67 0.60
CA LEU A 246 -2.40 16.77 1.47
C LEU A 246 -1.97 16.35 2.87
N ASN A 247 -2.47 15.23 3.35
CA ASN A 247 -2.12 14.75 4.64
C ASN A 247 -0.87 13.88 4.63
N THR A 248 -0.64 13.13 3.55
CA THR A 248 0.51 12.29 3.51
C THR A 248 1.78 12.99 2.98
N TRP A 249 1.61 13.97 2.13
CA TRP A 249 2.76 14.64 1.56
C TRP A 249 3.72 15.23 2.60
N PRO A 250 3.24 15.97 3.57
CA PRO A 250 4.18 16.56 4.52
C PRO A 250 5.01 15.52 5.24
N ILE A 251 4.38 14.42 5.61
CA ILE A 251 5.11 13.31 6.18
C ILE A 251 6.18 12.74 5.24
N ILE A 252 5.82 12.54 3.99
CA ILE A 252 6.73 12.04 3.01
C ILE A 252 7.87 13.01 2.75
N ARG A 253 7.54 14.27 2.64
CA ARG A 253 8.54 15.30 2.45
C ARG A 253 9.63 15.23 3.49
N ASP A 254 9.23 15.10 4.73
CA ASP A 254 10.15 15.25 5.83
C ASP A 254 10.81 13.99 6.37
N LEU A 255 10.15 12.85 6.20
CA LEU A 255 10.58 11.63 6.87
C LEU A 255 11.01 10.51 5.94
N VAL A 256 10.72 10.60 4.64
CA VAL A 256 11.08 9.48 3.78
C VAL A 256 12.43 9.79 3.20
N ASP A 257 13.29 8.79 3.16
CA ASP A 257 14.71 8.95 2.83
C ASP A 257 14.98 9.10 1.35
N ASP A 258 14.28 8.36 0.51
CA ASP A 258 14.48 8.46 -0.91
C ASP A 258 13.33 7.74 -1.61
N ILE A 259 13.19 7.98 -2.89
CA ILE A 259 12.13 7.43 -3.69
C ILE A 259 12.74 6.87 -4.95
N PHE A 260 12.42 5.62 -5.23
CA PHE A 260 12.97 4.94 -6.37
C PHE A 260 11.86 4.66 -7.37
N THR A 261 12.08 5.07 -8.61
CA THR A 261 11.14 4.79 -9.67
C THR A 261 11.55 3.58 -10.51
N VAL A 262 10.53 2.86 -10.96
CA VAL A 262 10.71 1.65 -11.73
C VAL A 262 9.79 1.61 -12.95
N THR A 263 10.34 1.18 -14.08
CA THR A 263 9.58 1.07 -15.30
C THR A 263 8.60 -0.11 -15.31
N GLU A 264 7.65 -0.03 -16.23
CA GLU A 264 6.70 -1.10 -16.39
C GLU A 264 7.41 -2.44 -16.62
N ASP A 265 8.45 -2.44 -17.41
CA ASP A 265 9.19 -3.67 -17.68
C ASP A 265 9.79 -4.21 -16.39
N GLU A 266 10.36 -3.34 -15.58
CA GLU A 266 10.95 -3.76 -14.34
C GLU A 266 9.91 -4.36 -13.40
N ILE A 267 8.75 -3.77 -13.39
CA ILE A 267 7.68 -4.21 -12.53
C ILE A 267 7.23 -5.59 -12.95
N LYS A 268 7.06 -5.77 -14.24
CA LYS A 268 6.66 -7.06 -14.74
C LYS A 268 7.72 -8.13 -14.46
N CYS A 269 8.97 -7.81 -14.70
CA CYS A 269 10.02 -8.75 -14.47
C CYS A 269 10.11 -9.16 -13.01
N ALA A 270 10.02 -8.18 -12.14
CA ALA A 270 10.15 -8.46 -10.72
C ALA A 270 8.96 -9.28 -10.18
N THR A 271 7.78 -8.97 -10.66
CA THR A 271 6.60 -9.69 -10.25
C THR A 271 6.72 -11.18 -10.63
N GLN A 272 7.05 -11.35 -11.90
CA GLN A 272 7.26 -12.69 -12.39
C GLN A 272 8.34 -13.47 -11.62
N LEU A 273 9.40 -12.79 -11.24
CA LEU A 273 10.46 -13.40 -10.49
C LEU A 273 9.97 -13.90 -9.12
N VAL A 274 9.20 -13.09 -8.44
CA VAL A 274 8.67 -13.49 -7.16
C VAL A 274 7.75 -14.69 -7.33
N TRP A 275 6.94 -14.68 -8.37
CA TRP A 275 6.02 -15.77 -8.60
C TRP A 275 6.82 -17.05 -8.79
N GLU A 276 7.79 -16.97 -9.67
CA GLU A 276 8.55 -18.16 -10.03
C GLU A 276 9.53 -18.68 -8.98
N ARG A 277 10.17 -17.77 -8.28
CA ARG A 277 11.20 -18.12 -7.34
C ARG A 277 10.80 -18.16 -5.87
N MSE A 278 9.80 -17.37 -5.49
CA MSE A 278 9.32 -17.39 -4.13
C MSE A 278 7.96 -18.09 -3.97
O MSE A 278 7.58 -18.39 -2.92
CB MSE A 278 9.26 -15.97 -3.56
CG MSE A 278 10.56 -15.26 -3.59
SE MSE A 278 10.47 -13.58 -2.57
CE MSE A 278 10.36 -14.35 -0.72
N LYS A 279 7.30 -18.33 -5.09
CA LYS A 279 6.01 -19.00 -5.10
C LYS A 279 4.93 -18.21 -4.38
N LEU A 280 5.05 -16.91 -4.44
CA LEU A 280 4.14 -15.99 -3.77
C LEU A 280 3.39 -15.21 -4.85
N LEU A 281 2.08 -15.34 -4.84
CA LEU A 281 1.23 -14.78 -5.85
CA LEU A 281 1.24 -14.78 -5.88
C LEU A 281 0.93 -13.28 -5.49
N ILE A 282 1.98 -12.48 -5.61
CA ILE A 282 1.86 -11.05 -5.46
C ILE A 282 1.16 -10.40 -6.64
N GLU A 283 0.48 -9.30 -6.37
CA GLU A 283 -0.06 -8.54 -7.46
C GLU A 283 1.04 -7.63 -7.98
N PRO A 284 0.90 -7.13 -9.19
CA PRO A 284 1.99 -6.34 -9.76
C PRO A 284 2.33 -5.10 -8.93
N THR A 285 1.34 -4.51 -8.30
CA THR A 285 1.62 -3.36 -7.44
C THR A 285 2.66 -3.71 -6.39
N ALA A 286 2.53 -4.91 -5.84
CA ALA A 286 3.48 -5.36 -4.84
C ALA A 286 4.86 -5.67 -5.42
N GLY A 287 4.89 -5.83 -6.74
CA GLY A 287 6.14 -6.07 -7.45
C GLY A 287 6.94 -4.80 -7.64
N VAL A 288 6.36 -3.67 -7.26
CA VAL A 288 7.02 -2.38 -7.39
C VAL A 288 8.22 -2.23 -6.46
N GLY A 289 8.03 -2.61 -5.22
CA GLY A 289 9.12 -2.56 -4.28
C GLY A 289 10.26 -3.53 -4.52
N VAL A 290 9.91 -4.69 -5.07
CA VAL A 290 10.91 -5.66 -5.45
C VAL A 290 11.72 -5.11 -6.65
N ALA A 291 11.01 -4.60 -7.62
CA ALA A 291 11.70 -3.94 -8.73
C ALA A 291 12.65 -2.85 -8.24
N ALA A 292 12.23 -2.09 -7.26
CA ALA A 292 13.06 -1.01 -6.78
C ALA A 292 14.40 -1.51 -6.25
N VAL A 293 14.37 -2.57 -5.47
CA VAL A 293 15.58 -3.07 -4.89
C VAL A 293 16.45 -3.72 -5.96
N LEU A 294 15.82 -4.22 -7.00
CA LEU A 294 16.58 -4.81 -8.13
C LEU A 294 17.13 -3.79 -9.12
N SER A 295 16.73 -2.54 -8.98
CA SER A 295 17.01 -1.55 -9.97
C SER A 295 18.45 -1.03 -9.91
N GLN A 296 18.86 -0.47 -11.01
CA GLN A 296 20.19 0.10 -11.10
C GLN A 296 20.43 1.19 -10.08
N HIS A 297 19.50 2.11 -9.95
CA HIS A 297 19.66 3.18 -9.00
C HIS A 297 19.83 2.70 -7.56
N PHE A 298 19.17 1.62 -7.19
CA PHE A 298 19.32 1.13 -5.83
C PHE A 298 20.76 0.70 -5.50
N GLN A 299 21.54 0.42 -6.52
CA GLN A 299 22.94 0.05 -6.34
C GLN A 299 23.72 1.19 -5.73
N THR A 300 23.22 2.40 -5.83
CA THR A 300 23.85 3.54 -5.22
C THR A 300 23.59 3.70 -3.75
N VAL A 301 22.68 2.94 -3.18
CA VAL A 301 22.47 2.92 -1.75
C VAL A 301 23.71 2.32 -1.05
N SER A 302 24.10 2.92 0.06
CA SER A 302 25.30 2.54 0.77
C SER A 302 25.32 1.07 1.16
N PRO A 303 26.49 0.45 1.09
CA PRO A 303 26.59 -0.96 1.45
C PRO A 303 26.31 -1.20 2.90
N GLU A 304 26.27 -0.16 3.71
CA GLU A 304 25.87 -0.31 5.08
C GLU A 304 24.40 -0.63 5.20
N VAL A 305 23.61 -0.28 4.20
CA VAL A 305 22.18 -0.58 4.19
C VAL A 305 22.01 -2.00 3.69
N LYS A 306 22.16 -2.96 4.60
CA LYS A 306 22.27 -4.33 4.20
C LYS A 306 21.01 -5.15 4.33
N ASN A 307 20.34 -4.99 5.46
CA ASN A 307 19.18 -5.78 5.74
C ASN A 307 17.94 -4.96 5.37
N ILE A 308 17.27 -5.38 4.30
CA ILE A 308 16.21 -4.60 3.73
C ILE A 308 14.93 -5.41 3.72
N CYS A 309 13.89 -4.85 4.31
CA CYS A 309 12.60 -5.47 4.27
C CYS A 309 11.71 -4.75 3.27
N ILE A 310 11.20 -5.50 2.31
CA ILE A 310 10.34 -5.05 1.30
CA ILE A 310 10.32 -5.09 1.27
C ILE A 310 8.88 -5.51 1.66
N VAL A 311 7.94 -4.59 1.64
CA VAL A 311 6.57 -4.94 1.89
C VAL A 311 5.86 -5.48 0.64
N LEU A 312 5.49 -6.74 0.69
CA LEU A 312 4.71 -7.34 -0.40
C LEU A 312 3.28 -7.07 -0.02
N SER A 313 2.79 -6.00 -0.58
CA SER A 313 1.62 -5.35 -0.11
C SER A 313 0.26 -6.03 -0.38
N GLY A 314 0.18 -6.82 -1.44
CA GLY A 314 -1.07 -7.47 -1.81
C GLY A 314 -0.91 -8.58 -2.84
N GLY A 315 -1.90 -9.45 -2.88
CA GLY A 315 -1.93 -10.55 -3.80
C GLY A 315 -3.21 -10.68 -4.60
N ASN A 316 -3.92 -9.56 -4.76
CA ASN A 316 -5.15 -9.53 -5.52
C ASN A 316 -4.88 -9.29 -7.01
N VAL A 317 -4.58 -10.36 -7.72
CA VAL A 317 -4.27 -10.27 -9.13
C VAL A 317 -5.17 -11.18 -9.99
N ASP A 318 -5.52 -10.72 -11.21
CA ASP A 318 -6.33 -11.47 -12.17
C ASP A 318 -5.37 -12.42 -12.88
N LEU A 319 -5.46 -13.69 -12.55
CA LEU A 319 -4.61 -14.67 -13.16
C LEU A 319 -4.61 -14.69 -14.69
N THR A 320 -5.78 -14.62 -15.28
CA THR A 320 -5.86 -14.66 -16.71
C THR A 320 -5.39 -13.41 -17.44
N SER A 321 -5.57 -12.26 -16.83
CA SER A 321 -5.07 -11.00 -17.37
C SER A 321 -3.55 -11.02 -17.45
N SER A 322 -2.94 -11.54 -16.41
CA SER A 322 -1.51 -11.55 -16.24
C SER A 322 -0.80 -12.31 -17.33
N ILE A 323 -1.44 -13.30 -17.88
CA ILE A 323 -0.88 -14.06 -19.00
C ILE A 323 -0.51 -13.20 -20.17
N THR A 324 -1.22 -12.11 -20.37
CA THR A 324 -0.83 -11.13 -21.37
C THR A 324 0.65 -10.75 -21.28
N TRP A 325 1.14 -10.44 -20.10
CA TRP A 325 2.50 -9.99 -19.98
C TRP A 325 3.54 -10.99 -19.50
N VAL A 326 3.16 -12.17 -19.04
CA VAL A 326 4.18 -13.06 -18.53
C VAL A 326 5.18 -13.41 -19.65
N LYS A 327 6.47 -13.28 -19.37
CA LYS A 327 7.56 -13.47 -20.33
C LYS A 327 8.03 -14.89 -20.40
N GLN A 328 7.96 -15.49 -21.56
CA GLN A 328 8.49 -16.82 -21.81
C GLN A 328 9.99 -16.83 -21.67
N ALA A 329 10.55 -17.99 -21.38
CA ALA A 329 11.98 -18.03 -21.22
C ALA A 329 12.68 -17.84 -22.57
C1 MLI B . -5.59 1.90 -3.44
C2 MLI B . -6.86 1.11 -3.05
C3 MLI B . -5.95 3.12 -4.30
O6 MLI B . -7.98 1.65 -3.22
O7 MLI B . -6.76 -0.07 -2.64
O8 MLI B . -6.05 4.24 -3.74
O9 MLI B . -6.18 2.92 -5.57
MN MN C . 2.63 7.86 -7.75
#